data_6K1T
#
_entry.id   6K1T
#
_cell.length_a   43.943
_cell.length_b   67.313
_cell.length_c   55.571
_cell.angle_alpha   90.00
_cell.angle_beta   112.55
_cell.angle_gamma   90.00
#
_symmetry.space_group_name_H-M   'P 1 21 1'
#
loop_
_entity.id
_entity.type
_entity.pdbx_description
1 polymer 'Alpha/beta hydrolase fold family protein'
2 water water
#
_entity_poly.entity_id   1
_entity_poly.type   'polypeptide(L)'
_entity_poly.pdbx_seq_one_letter_code
;MPYHPALESLLDTPEIRKIKKLDLRDQRKIFADLSIAQIKRLPRPDIIEEDIKLENDTILRHYKPKKASDKAVLFIHGGG
WCLSSIDTYDHVCRYLCDQGNLNIFSLEYGLGPEDKYPAAVNHALYAYDWLYENITKFNLSTENIFVMGDSAGGNLVTII
CHERQENMPKAQILVYPAVDMYTKYDSNTKFDEYKYHLTTEWCELFLKAYIGEDIMSEPKKLRQPTISPLFYKDTNQPDT
LIVAATHDILIDGIYAYEEKLKQQGTYVETHYDDEMYHGFIGGLGVVPFENPKIALDKIIEFINKR
;
_entity_poly.pdbx_strand_id   A
#
# COMPACT_ATOMS: atom_id res chain seq x y z
N PRO A 2 9.66 12.54 18.00
CA PRO A 2 10.25 13.57 17.13
C PRO A 2 9.45 13.84 15.86
N TYR A 3 8.12 13.96 16.01
CA TYR A 3 7.27 14.30 14.86
C TYR A 3 7.72 15.61 14.24
N HIS A 4 7.88 15.61 12.91
CA HIS A 4 8.44 16.80 12.28
C HIS A 4 7.49 17.99 12.46
N PRO A 5 7.99 19.14 12.90
CA PRO A 5 7.10 20.26 13.27
C PRO A 5 6.48 20.97 12.08
N ALA A 6 6.95 20.72 10.86
CA ALA A 6 6.37 21.31 9.69
C ALA A 6 5.14 20.55 9.20
N LEU A 7 4.83 19.41 9.82
CA LEU A 7 3.80 18.54 9.26
C LEU A 7 2.40 19.04 9.58
N GLU A 8 2.20 19.59 10.78
CA GLU A 8 0.86 20.00 11.19
C GLU A 8 0.27 21.03 10.23
N SER A 9 1.08 21.97 9.76
CA SER A 9 0.55 22.96 8.82
C SER A 9 0.26 22.36 7.46
N LEU A 10 0.91 21.24 7.13
CA LEU A 10 0.63 20.57 5.86
C LEU A 10 -0.58 19.65 5.95
N LEU A 11 -0.76 18.97 7.09
CA LEU A 11 -1.75 17.90 7.18
C LEU A 11 -3.08 18.32 7.79
N ASP A 12 -3.12 19.37 8.60
CA ASP A 12 -4.33 19.85 9.22
C ASP A 12 -4.58 21.27 8.76
N THR A 13 -5.57 21.47 7.91
CA THR A 13 -5.98 22.79 7.47
C THR A 13 -7.50 22.82 7.56
N PRO A 14 -8.09 24.01 7.66
CA PRO A 14 -9.56 24.07 7.59
C PRO A 14 -10.13 23.42 6.35
N GLU A 15 -9.44 23.56 5.21
CA GLU A 15 -9.90 22.90 3.98
C GLU A 15 -9.89 21.39 4.13
N ILE A 16 -8.81 20.84 4.71
CA ILE A 16 -8.72 19.39 4.83
C ILE A 16 -9.77 18.87 5.80
N ARG A 17 -10.06 19.62 6.87
CA ARG A 17 -11.07 19.17 7.83
C ARG A 17 -12.45 19.11 7.18
N LYS A 18 -12.77 20.09 6.34
CA LYS A 18 -14.05 20.08 5.65
C LYS A 18 -14.15 18.88 4.71
N ILE A 19 -13.11 18.63 3.92
CA ILE A 19 -13.15 17.55 2.96
C ILE A 19 -13.35 16.20 3.66
N LYS A 20 -12.69 15.98 4.80
CA LYS A 20 -12.72 14.68 5.46
C LYS A 20 -14.09 14.33 6.04
N LYS A 21 -15.01 15.29 6.12
CA LYS A 21 -16.37 15.04 6.57
C LYS A 21 -17.36 14.85 5.41
N LEU A 22 -16.91 15.04 4.17
CA LEU A 22 -17.78 14.85 3.01
C LEU A 22 -18.04 13.35 2.77
N ASP A 23 -19.02 13.07 1.92
CA ASP A 23 -19.20 11.70 1.44
C ASP A 23 -17.92 11.23 0.76
N LEU A 24 -17.54 9.97 1.03
CA LEU A 24 -16.30 9.45 0.48
C LEU A 24 -16.25 9.55 -1.04
N ARG A 25 -17.40 9.44 -1.71
CA ARG A 25 -17.39 9.56 -3.16
C ARG A 25 -17.00 10.99 -3.59
N ASP A 26 -17.36 12.01 -2.79
CA ASP A 26 -16.89 13.36 -3.07
C ASP A 26 -15.43 13.54 -2.67
N GLN A 27 -15.02 12.97 -1.53
CA GLN A 27 -13.60 13.02 -1.15
C GLN A 27 -12.72 12.40 -2.22
N ARG A 28 -13.16 11.28 -2.78
CA ARG A 28 -12.38 10.60 -3.79
C ARG A 28 -11.98 11.55 -4.92
N LYS A 29 -12.96 12.30 -5.44
CA LYS A 29 -12.73 13.23 -6.55
C LYS A 29 -11.82 14.38 -6.12
N ILE A 30 -12.11 14.99 -4.98
CA ILE A 30 -11.32 16.13 -4.50
C ILE A 30 -9.87 15.73 -4.30
N PHE A 31 -9.64 14.63 -3.58
CA PHE A 31 -8.28 14.20 -3.30
C PHE A 31 -7.56 13.78 -4.57
N ALA A 32 -8.25 13.08 -5.47
CA ALA A 32 -7.61 12.66 -6.72
C ALA A 32 -7.15 13.88 -7.51
N ASP A 33 -8.01 14.90 -7.58
CA ASP A 33 -7.67 16.09 -8.38
C ASP A 33 -6.45 16.79 -7.80
N LEU A 34 -6.37 16.88 -6.48
CA LEU A 34 -5.22 17.50 -5.86
C LEU A 34 -3.95 16.70 -6.12
N SER A 35 -4.05 15.37 -6.01
CA SER A 35 -2.86 14.53 -6.20
C SER A 35 -2.39 14.57 -7.64
N ILE A 36 -3.32 14.49 -8.59
CA ILE A 36 -2.97 14.51 -10.00
C ILE A 36 -2.23 15.80 -10.35
N ALA A 37 -2.72 16.94 -9.85
CA ALA A 37 -2.09 18.21 -10.17
C ALA A 37 -0.68 18.27 -9.59
N GLN A 38 -0.47 17.70 -8.41
CA GLN A 38 0.87 17.64 -7.85
C GLN A 38 1.77 16.75 -8.68
N ILE A 39 1.26 15.59 -9.12
CA ILE A 39 2.07 14.65 -9.87
C ILE A 39 2.50 15.24 -11.20
N LYS A 40 1.61 16.02 -11.83
CA LYS A 40 1.94 16.59 -13.14
C LYS A 40 3.12 17.56 -13.07
N ARG A 41 3.45 18.06 -11.89
CA ARG A 41 4.62 18.93 -11.74
C ARG A 41 5.93 18.17 -11.67
N LEU A 42 5.91 16.83 -11.62
CA LEU A 42 7.13 16.05 -11.46
C LEU A 42 7.63 15.58 -12.82
N PRO A 43 8.91 15.75 -13.13
CA PRO A 43 9.43 15.17 -14.38
C PRO A 43 9.34 13.65 -14.30
N ARG A 44 9.05 13.03 -15.47
CA ARG A 44 8.89 11.59 -15.53
C ARG A 44 10.16 10.93 -16.03
N PRO A 45 10.47 9.73 -15.56
CA PRO A 45 11.54 8.96 -16.20
C PRO A 45 11.06 8.41 -17.53
N ASP A 46 12.02 8.12 -18.40
CA ASP A 46 11.71 7.69 -19.75
C ASP A 46 11.57 6.17 -19.81
N ILE A 47 10.57 5.70 -19.07
CA ILE A 47 10.20 4.28 -19.03
C ILE A 47 8.95 4.08 -19.85
N ILE A 48 8.68 2.84 -20.23
CA ILE A 48 7.50 2.49 -21.00
C ILE A 48 6.39 2.05 -20.06
N GLU A 49 5.21 2.64 -20.22
CA GLU A 49 4.04 2.28 -19.42
C GLU A 49 2.93 1.77 -20.34
N GLU A 50 2.28 0.68 -19.93
CA GLU A 50 1.19 0.08 -20.70
C GLU A 50 0.10 -0.40 -19.74
N ASP A 51 -1.15 -0.07 -20.04
CA ASP A 51 -2.28 -0.56 -19.27
C ASP A 51 -2.75 -1.88 -19.85
N ILE A 52 -2.87 -2.90 -19.00
CA ILE A 52 -3.32 -4.24 -19.37
C ILE A 52 -4.67 -4.45 -18.73
N LYS A 53 -5.70 -4.64 -19.55
CA LYS A 53 -7.03 -4.92 -19.05
C LYS A 53 -7.19 -6.42 -18.82
N LEU A 54 -7.58 -6.79 -17.61
CA LEU A 54 -7.80 -8.19 -17.28
C LEU A 54 -9.25 -8.55 -17.54
N GLU A 55 -9.52 -9.86 -17.55
CA GLU A 55 -10.85 -10.34 -17.94
C GLU A 55 -11.90 -9.99 -16.90
N ASN A 56 -11.51 -9.74 -15.66
CA ASN A 56 -12.45 -9.27 -14.65
C ASN A 56 -12.61 -7.74 -14.66
N ASP A 57 -12.14 -7.08 -15.71
CA ASP A 57 -12.28 -5.64 -15.96
C ASP A 57 -11.35 -4.79 -15.10
N THR A 58 -10.52 -5.37 -14.23
CA THR A 58 -9.49 -4.59 -13.58
C THR A 58 -8.35 -4.31 -14.55
N ILE A 59 -7.46 -3.41 -14.14
CA ILE A 59 -6.33 -2.95 -14.96
C ILE A 59 -5.05 -3.17 -14.18
N LEU A 60 -4.02 -3.70 -14.86
CA LEU A 60 -2.65 -3.71 -14.38
C LEU A 60 -1.87 -2.72 -15.22
N ARG A 61 -1.28 -1.73 -14.58
CA ARG A 61 -0.42 -0.81 -15.29
C ARG A 61 1.02 -1.30 -15.17
N HIS A 62 1.62 -1.63 -16.31
CA HIS A 62 2.95 -2.20 -16.35
C HIS A 62 3.96 -1.09 -16.60
N TYR A 63 4.83 -0.85 -15.63
CA TYR A 63 5.94 0.09 -15.78
C TYR A 63 7.19 -0.72 -16.11
N LYS A 64 7.80 -0.47 -17.27
CA LYS A 64 8.92 -1.27 -17.78
C LYS A 64 10.21 -0.47 -17.73
N PRO A 65 11.24 -0.93 -17.04
CA PRO A 65 12.45 -0.12 -16.91
C PRO A 65 13.25 -0.07 -18.20
N LYS A 66 14.18 0.88 -18.25
CA LYS A 66 15.03 1.05 -19.43
C LYS A 66 16.05 -0.09 -19.55
N LYS A 67 16.67 -0.47 -18.45
CA LYS A 67 17.66 -1.54 -18.47
C LYS A 67 16.98 -2.91 -18.35
N ALA A 68 17.73 -3.95 -18.75
CA ALA A 68 17.27 -5.31 -18.56
C ALA A 68 16.97 -5.57 -17.08
N SER A 69 15.83 -6.18 -16.81
CA SER A 69 15.43 -6.44 -15.43
C SER A 69 14.91 -7.85 -15.30
N ASP A 70 15.19 -8.47 -14.15
CA ASP A 70 14.73 -9.81 -13.87
C ASP A 70 13.59 -9.84 -12.86
N LYS A 71 13.17 -8.69 -12.33
CA LYS A 71 12.26 -8.62 -11.19
C LYS A 71 10.92 -8.03 -11.59
N ALA A 72 9.85 -8.58 -11.04
CA ALA A 72 8.51 -8.04 -11.16
C ALA A 72 7.94 -7.78 -9.77
N VAL A 73 7.22 -6.67 -9.63
CA VAL A 73 6.59 -6.28 -8.37
C VAL A 73 5.12 -6.01 -8.67
N LEU A 74 4.22 -6.77 -8.04
CA LEU A 74 2.80 -6.45 -8.08
C LEU A 74 2.55 -5.43 -6.98
N PHE A 75 2.14 -4.24 -7.37
CA PHE A 75 1.94 -3.14 -6.44
C PHE A 75 0.45 -2.88 -6.31
N ILE A 76 -0.04 -2.78 -5.08
CA ILE A 76 -1.44 -2.46 -4.84
C ILE A 76 -1.51 -1.20 -3.98
N HIS A 77 -2.16 -0.18 -4.52
CA HIS A 77 -2.21 1.14 -3.88
C HIS A 77 -3.13 1.13 -2.66
N GLY A 78 -2.89 2.09 -1.77
CA GLY A 78 -3.72 2.32 -0.60
C GLY A 78 -4.84 3.31 -0.88
N GLY A 79 -5.49 3.76 0.20
CA GLY A 79 -6.67 4.61 0.06
C GLY A 79 -7.91 4.13 0.80
N GLY A 80 -7.70 3.31 1.83
CA GLY A 80 -8.82 2.91 2.65
C GLY A 80 -9.85 2.04 1.97
N TRP A 81 -9.44 1.34 0.89
CA TRP A 81 -10.29 0.50 0.05
C TRP A 81 -11.38 1.29 -0.66
N CYS A 82 -11.33 2.61 -0.59
CA CYS A 82 -12.38 3.47 -1.14
C CYS A 82 -11.86 4.64 -1.96
N LEU A 83 -10.62 5.07 -1.76
CA LEU A 83 -10.06 6.22 -2.48
C LEU A 83 -8.82 5.80 -3.26
N SER A 84 -8.32 6.76 -4.04
CA SER A 84 -7.05 6.70 -4.77
C SER A 84 -7.13 5.76 -5.96
N SER A 85 -6.05 5.68 -6.73
CA SER A 85 -6.10 4.95 -7.98
C SER A 85 -4.66 4.74 -8.43
N ILE A 86 -4.49 3.98 -9.52
CA ILE A 86 -3.16 3.84 -10.09
C ILE A 86 -2.62 5.21 -10.50
N ASP A 87 -3.51 6.14 -10.90
CA ASP A 87 -3.01 7.45 -11.34
C ASP A 87 -2.45 8.26 -10.18
N THR A 88 -2.99 8.09 -8.96
CA THR A 88 -2.45 8.88 -7.85
C THR A 88 -1.20 8.26 -7.23
N TYR A 89 -0.75 7.13 -7.75
CA TYR A 89 0.47 6.47 -7.30
C TYR A 89 1.49 6.36 -8.42
N ASP A 90 1.22 6.96 -9.58
CA ASP A 90 2.13 6.92 -10.72
C ASP A 90 3.56 7.33 -10.34
N HIS A 91 3.70 8.37 -9.53
CA HIS A 91 5.03 8.90 -9.26
C HIS A 91 5.86 7.93 -8.42
N VAL A 92 5.21 7.19 -7.50
CA VAL A 92 5.92 6.22 -6.68
C VAL A 92 6.37 5.03 -7.53
N CYS A 93 5.47 4.53 -8.37
CA CYS A 93 5.78 3.40 -9.24
C CYS A 93 6.86 3.77 -10.24
N ARG A 94 6.81 5.00 -10.77
CA ARG A 94 7.85 5.45 -11.70
C ARG A 94 9.21 5.47 -11.05
N TYR A 95 9.27 5.88 -9.78
CA TYR A 95 10.55 5.91 -9.08
C TYR A 95 11.06 4.48 -8.84
N LEU A 96 10.18 3.58 -8.41
CA LEU A 96 10.59 2.20 -8.18
C LEU A 96 11.04 1.54 -9.46
N CYS A 97 10.36 1.85 -10.56
CA CYS A 97 10.72 1.28 -11.84
C CYS A 97 12.05 1.81 -12.31
N ASP A 98 12.21 3.14 -12.31
CA ASP A 98 13.40 3.75 -12.90
C ASP A 98 14.63 3.52 -12.02
N GLN A 99 14.54 3.91 -10.74
CA GLN A 99 15.69 3.85 -9.84
C GLN A 99 15.97 2.44 -9.33
N GLY A 100 14.96 1.58 -9.30
CA GLY A 100 15.15 0.20 -8.87
C GLY A 100 15.45 -0.77 -9.97
N ASN A 101 15.23 -0.36 -11.23
CA ASN A 101 15.32 -1.25 -12.39
C ASN A 101 14.37 -2.44 -12.20
N LEU A 102 13.11 -2.10 -11.92
CA LEU A 102 12.09 -3.06 -11.56
C LEU A 102 10.91 -2.97 -12.50
N ASN A 103 10.41 -4.12 -12.94
CA ASN A 103 9.10 -4.18 -13.58
C ASN A 103 8.04 -4.03 -12.49
N ILE A 104 7.22 -2.99 -12.58
CA ILE A 104 6.14 -2.74 -11.64
C ILE A 104 4.82 -2.99 -12.35
N PHE A 105 3.91 -3.72 -11.69
CA PHE A 105 2.56 -3.95 -12.17
C PHE A 105 1.59 -3.40 -11.12
N SER A 106 1.00 -2.23 -11.37
CA SER A 106 0.14 -1.56 -10.39
C SER A 106 -1.33 -1.86 -10.67
N LEU A 107 -2.05 -2.33 -9.66
CA LEU A 107 -3.42 -2.81 -9.84
C LEU A 107 -4.50 -1.74 -9.60
N GLU A 108 -5.43 -1.61 -10.53
CA GLU A 108 -6.64 -0.80 -10.34
C GLU A 108 -7.74 -1.77 -9.94
N TYR A 109 -8.15 -1.71 -8.68
CA TYR A 109 -9.12 -2.65 -8.12
C TYR A 109 -10.40 -1.95 -7.68
N GLY A 110 -11.39 -2.77 -7.37
CA GLY A 110 -12.70 -2.25 -7.00
C GLY A 110 -12.71 -1.55 -5.65
N LEU A 111 -13.43 -0.43 -5.59
CA LEU A 111 -13.42 0.44 -4.42
C LEU A 111 -14.82 0.52 -3.82
N GLY A 112 -14.88 0.58 -2.48
CA GLY A 112 -16.11 0.90 -1.81
C GLY A 112 -16.43 2.38 -1.91
N PRO A 113 -17.72 2.73 -1.76
CA PRO A 113 -18.83 1.82 -1.46
C PRO A 113 -19.48 1.16 -2.67
N GLU A 114 -19.03 1.47 -3.89
CA GLU A 114 -19.66 0.90 -5.08
C GLU A 114 -19.37 -0.59 -5.19
N ASP A 115 -18.16 -1.01 -4.83
CA ASP A 115 -17.69 -2.40 -4.89
C ASP A 115 -17.13 -2.73 -3.51
N LYS A 116 -18.03 -3.20 -2.64
CA LYS A 116 -17.72 -3.47 -1.25
C LYS A 116 -16.93 -4.75 -1.11
N TYR A 117 -16.32 -4.91 0.06
CA TYR A 117 -15.64 -6.13 0.43
C TYR A 117 -16.58 -7.32 0.14
N PRO A 118 -16.06 -8.41 -0.44
CA PRO A 118 -14.63 -8.67 -0.66
C PRO A 118 -14.14 -8.44 -2.09
N ALA A 119 -14.74 -7.51 -2.82
CA ALA A 119 -14.33 -7.23 -4.20
C ALA A 119 -12.82 -7.00 -4.32
N ALA A 120 -12.27 -6.13 -3.48
CA ALA A 120 -10.84 -5.82 -3.56
C ALA A 120 -9.97 -7.04 -3.33
N VAL A 121 -10.33 -7.89 -2.36
CA VAL A 121 -9.57 -9.12 -2.11
C VAL A 121 -9.60 -10.02 -3.33
N ASN A 122 -10.77 -10.16 -3.95
CA ASN A 122 -10.87 -11.04 -5.11
C ASN A 122 -10.07 -10.47 -6.29
N HIS A 123 -10.03 -9.14 -6.42
CA HIS A 123 -9.23 -8.52 -7.48
C HIS A 123 -7.74 -8.69 -7.24
N ALA A 124 -7.32 -8.57 -5.98
CA ALA A 124 -5.91 -8.76 -5.67
C ALA A 124 -5.48 -10.18 -6.02
N LEU A 125 -6.32 -11.17 -5.66
CA LEU A 125 -5.94 -12.54 -5.94
C LEU A 125 -5.94 -12.81 -7.44
N TYR A 126 -6.97 -12.31 -8.15
CA TYR A 126 -7.03 -12.51 -9.60
C TYR A 126 -5.80 -11.93 -10.30
N ALA A 127 -5.37 -10.73 -9.88
CA ALA A 127 -4.20 -10.09 -10.48
C ALA A 127 -2.93 -10.89 -10.22
N TYR A 128 -2.74 -11.34 -8.98
CA TYR A 128 -1.55 -12.14 -8.69
C TYR A 128 -1.55 -13.42 -9.51
N ASP A 129 -2.71 -14.09 -9.61
CA ASP A 129 -2.76 -15.35 -10.34
C ASP A 129 -2.50 -15.11 -11.81
N TRP A 130 -2.99 -13.99 -12.35
CA TRP A 130 -2.76 -13.69 -13.76
C TRP A 130 -1.28 -13.42 -14.01
N LEU A 131 -0.65 -12.63 -13.14
CA LEU A 131 0.77 -12.34 -13.30
C LEU A 131 1.60 -13.60 -13.17
N TYR A 132 1.28 -14.45 -12.19
CA TYR A 132 2.03 -15.68 -12.00
C TYR A 132 1.95 -16.57 -13.23
N GLU A 133 0.76 -16.68 -13.81
CA GLU A 133 0.56 -17.53 -14.99
C GLU A 133 1.20 -16.93 -16.23
N ASN A 134 1.21 -15.60 -16.37
CA ASN A 134 1.64 -14.96 -17.61
C ASN A 134 3.01 -14.30 -17.52
N ILE A 135 3.79 -14.63 -16.48
CA ILE A 135 5.02 -13.91 -16.23
C ILE A 135 6.01 -14.06 -17.38
N THR A 136 6.00 -15.20 -18.07
CA THR A 136 7.00 -15.39 -19.13
C THR A 136 6.71 -14.56 -20.36
N LYS A 137 5.48 -14.04 -20.51
CA LYS A 137 5.18 -13.08 -21.56
C LYS A 137 6.01 -11.81 -21.42
N PHE A 138 6.51 -11.53 -20.22
CA PHE A 138 7.34 -10.36 -19.95
C PHE A 138 8.81 -10.72 -19.88
N ASN A 139 9.17 -11.95 -20.27
CA ASN A 139 10.54 -12.46 -20.16
C ASN A 139 11.00 -12.45 -18.70
N LEU A 140 10.10 -12.79 -17.80
CA LEU A 140 10.35 -12.87 -16.37
C LEU A 140 9.97 -14.26 -15.89
N SER A 141 10.37 -14.60 -14.67
CA SER A 141 10.13 -15.93 -14.14
C SER A 141 9.39 -15.85 -12.81
N THR A 142 8.68 -16.93 -12.49
CA THR A 142 7.83 -16.98 -11.30
C THR A 142 8.63 -16.87 -10.01
N GLU A 143 9.93 -17.18 -10.03
CA GLU A 143 10.73 -17.09 -8.83
C GLU A 143 11.10 -15.66 -8.46
N ASN A 144 10.77 -14.68 -9.30
CA ASN A 144 11.19 -13.30 -9.09
C ASN A 144 10.00 -12.34 -9.02
N ILE A 145 8.86 -12.81 -8.53
CA ILE A 145 7.66 -11.98 -8.36
C ILE A 145 7.57 -11.57 -6.90
N PHE A 146 7.51 -10.25 -6.68
CA PHE A 146 7.36 -9.65 -5.36
C PHE A 146 5.99 -9.01 -5.27
N VAL A 147 5.51 -8.77 -4.05
CA VAL A 147 4.29 -8.01 -3.86
C VAL A 147 4.55 -6.85 -2.91
N MET A 148 3.88 -5.74 -3.17
CA MET A 148 4.11 -4.52 -2.40
C MET A 148 2.79 -3.78 -2.30
N GLY A 149 2.49 -3.25 -1.13
CA GLY A 149 1.28 -2.47 -0.99
C GLY A 149 1.40 -1.51 0.16
N ASP A 150 0.68 -0.38 0.09
CA ASP A 150 0.67 0.58 1.19
C ASP A 150 -0.74 0.67 1.77
N SER A 151 -0.81 0.67 3.10
CA SER A 151 -2.06 0.77 3.87
C SER A 151 -3.09 -0.32 3.54
N ALA A 152 -4.25 0.06 2.98
CA ALA A 152 -5.18 -0.94 2.46
C ALA A 152 -4.52 -1.84 1.43
N GLY A 153 -3.57 -1.30 0.67
CA GLY A 153 -2.85 -2.13 -0.28
C GLY A 153 -1.91 -3.10 0.40
N GLY A 154 -1.32 -2.71 1.53
CA GLY A 154 -0.52 -3.64 2.31
C GLY A 154 -1.38 -4.74 2.87
N ASN A 155 -2.59 -4.40 3.31
CA ASN A 155 -3.60 -5.38 3.67
C ASN A 155 -3.80 -6.42 2.56
N LEU A 156 -4.04 -5.94 1.33
CA LEU A 156 -4.38 -6.84 0.25
C LEU A 156 -3.19 -7.72 -0.17
N VAL A 157 -1.97 -7.18 -0.19
CA VAL A 157 -0.88 -8.03 -0.69
C VAL A 157 -0.46 -9.05 0.36
N THR A 158 -0.59 -8.74 1.65
CA THR A 158 -0.28 -9.77 2.63
C THR A 158 -1.34 -10.87 2.62
N ILE A 159 -2.60 -10.53 2.35
CA ILE A 159 -3.63 -11.55 2.14
C ILE A 159 -3.27 -12.44 0.95
N ILE A 160 -2.69 -11.88 -0.12
CA ILE A 160 -2.25 -12.74 -1.22
C ILE A 160 -1.32 -13.81 -0.70
N CYS A 161 -0.34 -13.41 0.12
CA CYS A 161 0.65 -14.38 0.61
C CYS A 161 0.00 -15.46 1.45
N HIS A 162 -0.90 -15.05 2.35
CA HIS A 162 -1.62 -16.02 3.18
C HIS A 162 -2.46 -16.99 2.35
N GLU A 163 -3.06 -16.51 1.25
CA GLU A 163 -4.00 -17.30 0.47
C GLU A 163 -3.34 -18.08 -0.66
N ARG A 164 -2.03 -17.90 -0.88
CA ARG A 164 -1.34 -18.58 -1.97
C ARG A 164 -0.11 -19.31 -1.41
N GLN A 165 -0.37 -20.25 -0.51
CA GLN A 165 0.70 -20.90 0.24
C GLN A 165 1.60 -21.75 -0.65
N GLU A 166 1.07 -22.28 -1.75
CA GLU A 166 1.85 -23.15 -2.63
C GLU A 166 2.66 -22.39 -3.67
N ASN A 167 2.42 -21.09 -3.85
CA ASN A 167 3.22 -20.30 -4.79
C ASN A 167 3.32 -18.88 -4.25
N MET A 168 3.91 -18.75 -3.06
CA MET A 168 4.02 -17.46 -2.42
C MET A 168 4.97 -16.55 -3.19
N PRO A 169 4.77 -15.24 -3.10
CA PRO A 169 5.74 -14.29 -3.63
C PRO A 169 7.13 -14.50 -3.04
N LYS A 170 8.15 -14.04 -3.78
CA LYS A 170 9.52 -14.11 -3.30
C LYS A 170 9.67 -13.32 -2.01
N ALA A 171 9.01 -12.17 -1.92
CA ALA A 171 9.04 -11.37 -0.71
C ALA A 171 7.84 -10.44 -0.77
N GLN A 172 7.49 -9.88 0.39
CA GLN A 172 6.40 -8.93 0.49
C GLN A 172 6.91 -7.65 1.15
N ILE A 173 6.50 -6.52 0.60
CA ILE A 173 6.90 -5.21 1.09
C ILE A 173 5.63 -4.54 1.57
N LEU A 174 5.49 -4.38 2.88
CA LEU A 174 4.28 -3.82 3.49
C LEU A 174 4.57 -2.41 3.96
N VAL A 175 3.85 -1.44 3.42
CA VAL A 175 4.04 -0.04 3.77
C VAL A 175 2.84 0.39 4.61
N TYR A 176 3.10 0.75 5.89
CA TYR A 176 2.10 1.01 6.94
C TYR A 176 0.81 0.23 6.68
N PRO A 177 0.86 -1.09 6.73
CA PRO A 177 -0.31 -1.90 6.37
C PRO A 177 -1.40 -1.90 7.42
N ALA A 178 -2.63 -2.01 6.94
CA ALA A 178 -3.81 -2.19 7.80
C ALA A 178 -3.97 -3.69 8.03
N VAL A 179 -3.60 -4.18 9.20
CA VAL A 179 -3.62 -5.61 9.47
C VAL A 179 -4.57 -6.00 10.60
N ASP A 180 -5.11 -5.04 11.35
CA ASP A 180 -5.99 -5.37 12.47
C ASP A 180 -6.98 -4.22 12.62
N MET A 181 -8.18 -4.42 12.09
CA MET A 181 -9.24 -3.42 12.16
C MET A 181 -10.14 -3.62 13.37
N TYR A 182 -9.83 -4.59 14.23
CA TYR A 182 -10.70 -4.93 15.35
C TYR A 182 -10.16 -4.43 16.69
N THR A 183 -8.88 -4.65 16.96
CA THR A 183 -8.33 -4.42 18.29
C THR A 183 -8.10 -2.93 18.55
N LYS A 184 -8.43 -2.49 19.76
CA LYS A 184 -8.12 -1.13 20.20
C LYS A 184 -6.79 -1.16 20.92
N TYR A 185 -5.73 -0.72 20.25
CA TYR A 185 -4.42 -0.61 20.88
C TYR A 185 -4.22 0.80 21.41
N ASP A 186 -3.09 1.03 22.08
CA ASP A 186 -2.81 2.35 22.62
C ASP A 186 -2.65 3.37 21.51
N SER A 187 -1.99 2.98 20.41
CA SER A 187 -1.75 3.93 19.33
C SER A 187 -3.06 4.48 18.78
N ASN A 188 -4.14 3.70 18.88
CA ASN A 188 -5.42 4.12 18.31
C ASN A 188 -5.99 5.35 19.00
N THR A 189 -5.59 5.61 20.24
CA THR A 189 -5.94 6.88 20.88
C THR A 189 -4.79 7.88 20.86
N LYS A 190 -3.57 7.42 21.12
CA LYS A 190 -2.42 8.31 21.22
C LYS A 190 -2.23 9.16 19.98
N PHE A 191 -2.45 8.58 18.79
CA PHE A 191 -2.19 9.29 17.54
C PHE A 191 -3.46 9.63 16.78
N ASP A 192 -4.58 9.71 17.50
CA ASP A 192 -5.87 10.06 16.90
C ASP A 192 -6.09 11.57 16.96
N GLU A 193 -5.33 12.27 16.11
CA GLU A 193 -5.37 13.72 16.05
C GLU A 193 -5.14 14.17 14.62
N TYR A 194 -5.72 15.32 14.27
CA TYR A 194 -5.65 15.85 12.90
C TYR A 194 -4.23 15.93 12.38
N LYS A 195 -3.28 16.32 13.23
CA LYS A 195 -1.91 16.52 12.79
C LYS A 195 -1.27 15.24 12.26
N TYR A 196 -1.78 14.08 12.64
CA TYR A 196 -1.24 12.80 12.21
C TYR A 196 -1.94 12.24 10.97
N HIS A 197 -2.83 13.00 10.35
CA HIS A 197 -3.50 12.67 9.08
C HIS A 197 -4.56 11.59 9.24
N LEU A 198 -4.15 10.39 9.64
CA LEU A 198 -5.07 9.27 9.79
C LEU A 198 -5.74 9.33 11.16
N THR A 199 -7.02 9.71 11.19
CA THR A 199 -7.77 9.80 12.43
C THR A 199 -8.83 8.70 12.50
N THR A 200 -9.21 8.34 13.74
CA THR A 200 -10.21 7.28 13.92
C THR A 200 -11.54 7.67 13.28
N GLU A 201 -11.92 8.94 13.38
CA GLU A 201 -13.17 9.40 12.78
C GLU A 201 -13.16 9.18 11.28
N TRP A 202 -12.11 9.67 10.61
CA TRP A 202 -12.01 9.53 9.17
C TRP A 202 -11.99 8.06 8.75
N CYS A 203 -11.28 7.22 9.50
CA CYS A 203 -11.09 5.83 9.09
C CYS A 203 -12.37 5.02 9.19
N GLU A 204 -13.24 5.30 10.16
CA GLU A 204 -14.47 4.54 10.23
C GLU A 204 -15.39 4.83 9.04
N LEU A 205 -15.26 5.98 8.37
CA LEU A 205 -15.97 6.17 7.12
C LEU A 205 -15.56 5.12 6.11
N PHE A 206 -14.26 4.84 6.02
CA PHE A 206 -13.78 3.86 5.07
C PHE A 206 -14.27 2.46 5.43
N LEU A 207 -14.28 2.15 6.73
CA LEU A 207 -14.79 0.85 7.15
C LEU A 207 -16.26 0.66 6.77
N LYS A 208 -17.08 1.72 6.96
CA LYS A 208 -18.49 1.57 6.63
C LYS A 208 -18.70 1.45 5.13
N ALA A 209 -17.88 2.13 4.34
CA ALA A 209 -18.05 2.05 2.90
C ALA A 209 -17.50 0.73 2.33
N TYR A 210 -16.40 0.22 2.89
CA TYR A 210 -15.78 -1.02 2.41
C TYR A 210 -16.51 -2.25 2.94
N ILE A 211 -16.70 -2.34 4.26
CA ILE A 211 -17.29 -3.52 4.86
C ILE A 211 -18.82 -3.47 4.78
N GLY A 212 -19.41 -2.35 5.15
CA GLY A 212 -20.85 -2.20 5.10
C GLY A 212 -21.44 -1.32 6.18
N PRO A 219 -18.82 -5.63 15.15
CA PRO A 219 -17.38 -5.40 14.95
C PRO A 219 -16.57 -6.68 15.07
N LYS A 220 -17.13 -7.70 15.73
CA LYS A 220 -16.50 -9.01 15.69
C LYS A 220 -16.41 -9.52 14.26
N LYS A 221 -17.27 -9.01 13.37
CA LYS A 221 -17.16 -9.18 11.93
C LYS A 221 -16.06 -8.33 11.32
N LEU A 222 -15.00 -8.09 12.09
CA LEU A 222 -13.77 -7.51 11.57
C LEU A 222 -12.58 -8.41 11.84
N ARG A 223 -12.75 -9.48 12.60
CA ARG A 223 -11.70 -10.44 12.87
C ARG A 223 -11.55 -11.48 11.76
N GLN A 224 -12.41 -11.45 10.75
CA GLN A 224 -12.23 -12.33 9.58
C GLN A 224 -10.85 -12.09 8.97
N PRO A 225 -10.07 -13.13 8.69
CA PRO A 225 -8.67 -12.92 8.27
C PRO A 225 -8.53 -12.16 6.95
N THR A 226 -9.51 -12.22 6.06
CA THR A 226 -9.41 -11.43 4.84
C THR A 226 -9.83 -9.97 5.05
N ILE A 227 -10.19 -9.58 6.27
CA ILE A 227 -10.22 -8.18 6.67
C ILE A 227 -9.01 -7.82 7.51
N SER A 228 -8.72 -8.63 8.53
CA SER A 228 -7.65 -8.37 9.50
C SER A 228 -6.70 -9.55 9.42
N PRO A 229 -5.70 -9.50 8.54
CA PRO A 229 -4.81 -10.65 8.35
C PRO A 229 -3.97 -11.01 9.57
N LEU A 230 -3.92 -10.15 10.60
CA LEU A 230 -3.32 -10.59 11.85
C LEU A 230 -4.01 -11.84 12.37
N PHE A 231 -5.27 -12.05 12.00
CA PHE A 231 -6.03 -13.18 12.51
C PHE A 231 -5.82 -14.48 11.72
N TYR A 232 -4.97 -14.50 10.70
CA TYR A 232 -4.72 -15.75 9.98
C TYR A 232 -4.06 -16.77 10.90
N LYS A 233 -4.46 -18.02 10.76
CA LYS A 233 -3.99 -19.13 11.58
C LYS A 233 -3.21 -20.11 10.72
N ASP A 234 -2.01 -20.49 11.17
CA ASP A 234 -1.24 -21.61 10.59
C ASP A 234 -0.93 -21.38 9.10
N THR A 235 -0.44 -20.18 8.78
CA THR A 235 0.00 -19.86 7.43
C THR A 235 1.44 -19.37 7.44
N ASN A 236 2.15 -19.66 6.34
CA ASN A 236 3.50 -19.19 6.14
C ASN A 236 3.49 -17.83 5.44
N GLN A 237 4.57 -17.08 5.63
CA GLN A 237 4.81 -15.79 5.00
C GLN A 237 6.23 -15.77 4.47
N PRO A 238 6.46 -15.10 3.36
CA PRO A 238 7.82 -14.98 2.82
C PRO A 238 8.58 -13.87 3.53
N ASP A 239 9.85 -13.73 3.17
CA ASP A 239 10.67 -12.60 3.61
C ASP A 239 9.87 -11.30 3.49
N THR A 240 9.96 -10.48 4.53
CA THR A 240 9.07 -9.34 4.67
C THR A 240 9.87 -8.09 5.03
N LEU A 241 9.55 -6.97 4.37
CA LEU A 241 10.00 -5.65 4.77
C LEU A 241 8.76 -4.86 5.17
N ILE A 242 8.77 -4.32 6.38
CA ILE A 242 7.72 -3.45 6.88
C ILE A 242 8.28 -2.03 6.95
N VAL A 243 7.63 -1.10 6.26
CA VAL A 243 7.95 0.32 6.30
C VAL A 243 6.79 1.02 6.97
N ALA A 244 7.05 1.82 8.00
CA ALA A 244 5.93 2.46 8.68
C ALA A 244 6.38 3.76 9.34
N ALA A 245 5.41 4.61 9.63
CA ALA A 245 5.62 5.79 10.46
C ALA A 245 5.19 5.46 11.89
N THR A 246 5.99 5.89 12.88
CA THR A 246 5.67 5.51 14.25
C THR A 246 4.53 6.33 14.86
N HIS A 247 4.26 7.52 14.35
CA HIS A 247 3.14 8.37 14.80
C HIS A 247 1.92 8.07 13.94
N ASP A 248 1.26 6.94 14.23
CA ASP A 248 0.19 6.46 13.36
C ASP A 248 -0.73 5.59 14.21
N ILE A 249 -2.05 5.81 14.08
CA ILE A 249 -2.99 5.00 14.87
C ILE A 249 -2.80 3.51 14.62
N LEU A 250 -2.27 3.15 13.45
CA LEU A 250 -2.14 1.75 13.08
C LEU A 250 -0.89 1.09 13.65
N ILE A 251 0.03 1.86 14.22
CA ILE A 251 1.38 1.32 14.44
C ILE A 251 1.40 0.14 15.41
N ASP A 252 0.51 0.10 16.40
CA ASP A 252 0.60 -1.00 17.37
C ASP A 252 0.14 -2.32 16.78
N GLY A 253 -0.85 -2.29 15.88
CA GLY A 253 -1.18 -3.49 15.14
C GLY A 253 -0.07 -3.93 14.20
N ILE A 254 0.63 -2.95 13.61
CA ILE A 254 1.77 -3.29 12.74
C ILE A 254 2.88 -3.95 13.55
N TYR A 255 3.19 -3.41 14.73
CA TYR A 255 4.15 -4.08 15.61
C TYR A 255 3.66 -5.48 15.96
N ALA A 256 2.36 -5.65 16.22
CA ALA A 256 1.84 -6.98 16.51
C ALA A 256 2.07 -7.92 15.32
N TYR A 257 1.92 -7.41 14.10
CA TYR A 257 2.13 -8.23 12.92
C TYR A 257 3.58 -8.66 12.79
N GLU A 258 4.49 -7.70 12.94
CA GLU A 258 5.93 -8.00 12.92
C GLU A 258 6.27 -9.09 13.90
N GLU A 259 5.75 -9.01 15.13
CA GLU A 259 6.10 -10.00 16.14
C GLU A 259 5.53 -11.37 15.79
N LYS A 260 4.31 -11.41 15.24
CA LYS A 260 3.73 -12.69 14.84
C LYS A 260 4.57 -13.32 13.73
N LEU A 261 4.99 -12.52 12.74
CA LEU A 261 5.79 -13.08 11.66
C LEU A 261 7.12 -13.60 12.15
N LYS A 262 7.79 -12.83 13.03
CA LYS A 262 9.08 -13.26 13.54
C LYS A 262 8.94 -14.56 14.33
N GLN A 263 7.89 -14.68 15.13
CA GLN A 263 7.74 -15.88 15.96
C GLN A 263 7.45 -17.11 15.10
N GLN A 264 6.84 -16.95 13.93
CA GLN A 264 6.57 -18.06 13.04
C GLN A 264 7.75 -18.44 12.15
N GLY A 265 8.92 -17.81 12.34
CA GLY A 265 10.10 -18.13 11.58
C GLY A 265 10.35 -17.28 10.35
N THR A 266 9.63 -16.19 10.16
CA THR A 266 9.78 -15.37 8.97
C THR A 266 10.90 -14.35 9.15
N TYR A 267 11.68 -14.13 8.10
CA TYR A 267 12.68 -13.08 8.14
C TYR A 267 12.00 -11.73 7.90
N VAL A 268 12.19 -10.78 8.82
CA VAL A 268 11.51 -9.49 8.76
C VAL A 268 12.52 -8.37 8.97
N GLU A 269 12.59 -7.46 8.00
CA GLU A 269 13.27 -6.19 8.16
C GLU A 269 12.23 -5.10 8.37
N THR A 270 12.62 -4.04 9.06
CA THR A 270 11.72 -2.93 9.33
C THR A 270 12.42 -1.62 9.03
N HIS A 271 11.64 -0.64 8.57
CA HIS A 271 12.06 0.76 8.49
C HIS A 271 10.95 1.57 9.16
N TYR A 272 11.15 1.92 10.42
CA TYR A 272 10.18 2.67 11.20
C TYR A 272 10.65 4.12 11.28
N ASP A 273 9.93 5.00 10.60
CA ASP A 273 10.30 6.41 10.49
C ASP A 273 9.60 7.19 11.58
N ASP A 274 10.38 7.76 12.51
CA ASP A 274 9.78 8.38 13.68
C ASP A 274 9.55 9.87 13.51
N GLU A 275 9.73 10.41 12.29
CA GLU A 275 9.44 11.80 11.99
C GLU A 275 8.22 12.00 11.11
N MET A 276 7.73 10.95 10.46
CA MET A 276 6.81 11.15 9.36
C MET A 276 5.39 10.72 9.75
N TYR A 277 4.50 10.84 8.78
CA TYR A 277 3.08 10.58 8.94
C TYR A 277 2.66 9.39 8.08
N HIS A 278 1.55 8.77 8.47
CA HIS A 278 0.97 7.73 7.65
C HIS A 278 0.69 8.28 6.26
N GLY A 279 1.20 7.60 5.23
CA GLY A 279 1.07 8.08 3.88
C GLY A 279 2.27 8.80 3.29
N PHE A 280 3.38 8.91 4.05
CA PHE A 280 4.46 9.80 3.61
C PHE A 280 5.17 9.33 2.35
N ILE A 281 5.09 8.04 1.99
CA ILE A 281 5.78 7.64 0.77
C ILE A 281 5.17 8.34 -0.43
N GLY A 282 3.87 8.60 -0.39
CA GLY A 282 3.20 9.32 -1.45
C GLY A 282 3.64 10.76 -1.60
N GLY A 283 4.31 11.31 -0.59
CA GLY A 283 4.85 12.65 -0.67
C GLY A 283 6.08 12.80 -1.53
N LEU A 284 6.50 11.72 -2.19
CA LEU A 284 7.75 11.71 -2.95
C LEU A 284 7.77 12.81 -4.01
N GLY A 285 8.77 13.68 -3.94
CA GLY A 285 8.93 14.76 -4.90
C GLY A 285 8.02 15.94 -4.66
N VAL A 286 7.06 15.83 -3.75
CA VAL A 286 6.12 16.90 -3.47
C VAL A 286 6.49 17.59 -2.16
N VAL A 287 6.51 16.83 -1.07
CA VAL A 287 6.85 17.37 0.23
C VAL A 287 8.35 17.65 0.26
N PRO A 288 8.83 18.59 1.07
CA PRO A 288 10.25 18.97 1.01
C PRO A 288 11.18 17.99 1.71
N PHE A 289 10.64 16.95 2.34
CA PHE A 289 11.45 16.08 3.18
C PHE A 289 12.15 15.00 2.35
N GLU A 290 13.30 14.57 2.87
CA GLU A 290 14.07 13.48 2.28
C GLU A 290 13.43 12.12 2.56
N ASN A 291 12.55 12.05 3.57
CA ASN A 291 12.12 10.76 4.09
C ASN A 291 11.41 9.86 3.07
N PRO A 292 10.51 10.33 2.22
CA PRO A 292 9.91 9.40 1.23
C PRO A 292 10.96 8.70 0.38
N LYS A 293 11.93 9.44 -0.15
CA LYS A 293 12.93 8.82 -1.01
C LYS A 293 13.82 7.86 -0.23
N ILE A 294 14.15 8.21 1.03
CA ILE A 294 14.93 7.30 1.86
C ILE A 294 14.19 5.97 2.02
N ALA A 295 12.89 6.03 2.31
CA ALA A 295 12.13 4.78 2.45
C ALA A 295 12.09 3.98 1.15
N LEU A 296 11.86 4.66 0.01
CA LEU A 296 11.78 3.95 -1.27
C LEU A 296 13.13 3.33 -1.64
N ASP A 297 14.23 4.00 -1.33
CA ASP A 297 15.55 3.42 -1.59
C ASP A 297 15.76 2.16 -0.76
N LYS A 298 15.30 2.16 0.48
CA LYS A 298 15.40 0.96 1.31
C LYS A 298 14.60 -0.19 0.71
N ILE A 299 13.42 0.13 0.16
CA ILE A 299 12.61 -0.91 -0.48
C ILE A 299 13.35 -1.50 -1.68
N ILE A 300 13.90 -0.61 -2.53
CA ILE A 300 14.64 -1.04 -3.71
C ILE A 300 15.80 -1.94 -3.31
N GLU A 301 16.57 -1.53 -2.30
CA GLU A 301 17.72 -2.36 -1.93
C GLU A 301 17.26 -3.70 -1.36
N PHE A 302 16.11 -3.74 -0.68
CA PHE A 302 15.61 -5.01 -0.16
C PHE A 302 15.19 -5.96 -1.27
N ILE A 303 14.51 -5.44 -2.29
CA ILE A 303 14.11 -6.27 -3.42
C ILE A 303 15.32 -6.72 -4.21
N ASN A 304 16.26 -5.80 -4.48
CA ASN A 304 17.34 -6.14 -5.40
C ASN A 304 18.41 -7.04 -4.78
N LYS A 305 18.43 -7.18 -3.46
CA LYS A 305 19.24 -8.23 -2.85
C LYS A 305 18.68 -9.62 -3.10
N ARG A 306 17.46 -9.72 -3.60
CA ARG A 306 16.77 -11.00 -3.75
C ARG A 306 16.44 -11.26 -5.22
#